data_3OYG
#
_entry.id   3OYG
#
_cell.length_a   160.060
_cell.length_b   160.060
_cell.length_c   123.510
_cell.angle_alpha   90.000
_cell.angle_beta   90.000
_cell.angle_gamma   90.000
#
_symmetry.space_group_name_H-M   'P 41 21 2'
#
loop_
_entity.id
_entity.type
_entity.pdbx_description
1 polymer 'PFV integrase'
2 polymer "DNA (5'-D(*AP*TP*TP*GP*TP*CP*AP*TP*GP*GP*AP*AP*TP*TP*TP*CP*GP*CP*A)-3')"
3 polymer "DNA (5'-D(*TP*GP*CP*GP*AP*AP*AP*TP*TP*CP*CP*AP*TP*GP*AP*CP*A)-3')"
4 non-polymer 'ZINC ION'
5 non-polymer 'SULFATE ION'
6 non-polymer GLYCEROL
7 non-polymer 'AMMONIUM ION'
8 non-polymer 'MAGNESIUM ION'
9 non-polymer "(6S)-2-(3-chloro-4-fluorobenzyl)-8-ethyl-10-hydroxy-6-methyl-4-(5-methyl-1,1-dioxido-1,2,5-thiadiazolidin-2-yl)-7,8-dihydropyrazino[1',2':1,5]pyrrolo[2,3-d]pyridazine-1,9(2H,6H)-dione"
10 water water
#
loop_
_entity_poly.entity_id
_entity_poly.type
_entity_poly.pdbx_seq_one_letter_code
_entity_poly.pdbx_strand_id
1 'polypeptide(L)'
;GPGCNTKKPNLDAELDQLLQGHYIKGYPKQYTYFLEDGKVKVSRPEGVKIIPPQSDRQKIVLQAHNLAHTGREATLLKIA
NLYWWPNMRKDVVKQLGRCQQCLITNASNKASGPILRPDRPQKPFDKFFIDYIGPLPPSQGYLYVLVVVDGMTGFTWLYP
TKAPSTSATVKSLNVLTSIAIPKVIHSDQGAAFTSSTFAEWAKERGIHLEFSTPYHPQSSGKVERKNSDIKRLLTKLLVG
RPTKWYDLLPVVQLALNNTYSPVLKYTPHQLLFGIDSNTPFANQDTLDLTREEELSLLQEIRTSLYHPSTPPASSRSWSP
VVGQLVQERVARPASLRPRWHKPSTVLKVLNPRTVVILDHLGNNRTVSIDNLKPTSHQNGTTNDTATMDHLEKNE
;
A,B
2 'polydeoxyribonucleotide' (DA)(DT)(DT)(DG)(DT)(DC)(DA)(DT)(DG)(DG)(DA)(DA)(DT)(DT)(DT)(DC)(DG)(DC)(DA) C
3 'polydeoxyribonucleotide' (DT)(DG)(DC)(DG)(DA)(DA)(DA)(DT)(DT)(DC)(DC)(DA)(DT)(DG)(DA)(DC)(DA) D
#
# COMPACT_ATOMS: atom_id res chain seq x y z
N LEU A 11 -56.99 -20.66 -12.92
CA LEU A 11 -57.76 -20.85 -11.65
C LEU A 11 -58.87 -21.92 -11.83
N ASP A 12 -60.09 -21.61 -11.38
CA ASP A 12 -61.25 -22.53 -11.49
C ASP A 12 -61.61 -22.82 -12.95
N ALA A 13 -61.22 -21.90 -13.83
CA ALA A 13 -61.36 -22.09 -15.27
C ALA A 13 -60.60 -23.34 -15.71
N GLU A 14 -59.27 -23.30 -15.61
CA GLU A 14 -58.38 -24.43 -15.95
C GLU A 14 -58.81 -25.74 -15.32
N LEU A 15 -59.11 -25.70 -14.03
CA LEU A 15 -59.41 -26.89 -13.23
C LEU A 15 -60.74 -27.55 -13.60
N ASP A 16 -61.69 -26.76 -14.11
CA ASP A 16 -62.97 -27.29 -14.56
C ASP A 16 -62.73 -28.17 -15.78
N GLN A 17 -62.10 -27.62 -16.81
CA GLN A 17 -61.76 -28.38 -18.04
C GLN A 17 -61.09 -29.71 -17.73
N LEU A 18 -60.24 -29.69 -16.70
CA LEU A 18 -59.49 -30.86 -16.28
C LEU A 18 -60.37 -31.96 -15.72
N LEU A 19 -61.34 -31.60 -14.88
CA LEU A 19 -62.22 -32.56 -14.23
C LEU A 19 -63.04 -33.37 -15.24
N GLN A 20 -63.55 -32.70 -16.26
CA GLN A 20 -64.35 -33.37 -17.29
C GLN A 20 -63.50 -34.07 -18.37
N GLY A 21 -62.30 -34.53 -17.98
CA GLY A 21 -61.45 -35.39 -18.81
C GLY A 21 -60.65 -34.79 -19.96
N HIS A 22 -60.88 -33.50 -20.26
CA HIS A 22 -60.10 -32.76 -21.28
C HIS A 22 -58.60 -32.67 -20.92
N TYR A 23 -57.75 -32.44 -21.91
CA TYR A 23 -56.30 -32.30 -21.68
C TYR A 23 -55.84 -30.84 -21.57
N ILE A 24 -55.03 -30.53 -20.55
CA ILE A 24 -54.41 -29.19 -20.41
C ILE A 24 -52.88 -29.31 -20.36
N LYS A 25 -52.17 -28.43 -21.05
CA LYS A 25 -50.70 -28.50 -21.11
C LYS A 25 -50.06 -28.37 -19.74
N GLY A 26 -49.24 -29.37 -19.40
CA GLY A 26 -48.56 -29.39 -18.13
C GLY A 26 -49.13 -30.40 -17.16
N TYR A 27 -50.39 -30.77 -17.38
CA TYR A 27 -51.06 -31.77 -16.53
C TYR A 27 -51.10 -33.09 -17.29
N PRO A 28 -50.17 -34.01 -16.98
CA PRO A 28 -50.09 -35.29 -17.70
C PRO A 28 -51.44 -36.02 -17.75
N LYS A 29 -51.82 -36.49 -18.93
CA LYS A 29 -53.15 -37.10 -19.16
C LYS A 29 -53.33 -38.48 -18.52
N GLN A 30 -52.21 -39.17 -18.29
CA GLN A 30 -52.24 -40.54 -17.74
C GLN A 30 -52.67 -40.68 -16.27
N TYR A 31 -52.78 -39.55 -15.56
CA TYR A 31 -53.23 -39.59 -14.17
C TYR A 31 -54.70 -39.20 -14.08
N THR A 32 -55.43 -39.84 -13.18
CA THR A 32 -56.84 -39.50 -12.98
C THR A 32 -57.04 -38.35 -11.97
N TYR A 33 -57.63 -37.27 -12.46
CA TYR A 33 -57.95 -36.08 -11.65
C TYR A 33 -59.42 -36.11 -11.18
N PHE A 34 -59.65 -35.90 -9.89
CA PHE A 34 -61.02 -35.95 -9.36
C PHE A 34 -61.38 -34.87 -8.36
N LEU A 35 -62.67 -34.78 -8.02
CA LEU A 35 -63.14 -33.89 -6.94
C LEU A 35 -63.40 -34.69 -5.65
N GLU A 36 -63.15 -34.04 -4.52
CA GLU A 36 -63.30 -34.62 -3.19
C GLU A 36 -63.16 -33.47 -2.19
N ASP A 37 -64.03 -33.44 -1.19
CA ASP A 37 -64.04 -32.38 -0.15
C ASP A 37 -64.03 -30.95 -0.73
N GLY A 38 -64.54 -30.81 -1.95
CA GLY A 38 -64.59 -29.50 -2.62
C GLY A 38 -63.25 -29.04 -3.18
N LYS A 39 -62.38 -30.00 -3.49
CA LYS A 39 -61.02 -29.71 -3.95
C LYS A 39 -60.57 -30.68 -5.04
N VAL A 40 -59.95 -30.15 -6.10
CA VAL A 40 -59.40 -30.96 -7.17
C VAL A 40 -58.19 -31.74 -6.68
N LYS A 41 -58.27 -33.06 -6.77
CA LYS A 41 -57.18 -33.93 -6.34
C LYS A 41 -56.62 -34.72 -7.51
N VAL A 42 -55.43 -35.31 -7.34
CA VAL A 42 -54.83 -36.18 -8.34
C VAL A 42 -54.13 -37.36 -7.65
N SER A 43 -54.05 -38.48 -8.36
CA SER A 43 -53.46 -39.70 -7.82
C SER A 43 -52.04 -39.92 -8.35
N ARG A 44 -51.06 -39.56 -7.53
CA ARG A 44 -49.67 -39.61 -7.94
C ARG A 44 -48.94 -40.80 -7.32
N PRO A 45 -47.86 -41.28 -7.98
CA PRO A 45 -47.12 -42.39 -7.37
C PRO A 45 -46.88 -42.19 -5.85
N GLU A 46 -46.52 -40.98 -5.44
CA GLU A 46 -46.21 -40.66 -4.03
C GLU A 46 -47.46 -40.61 -3.14
N GLY A 47 -48.64 -40.65 -3.75
CA GLY A 47 -49.90 -40.54 -3.02
C GLY A 47 -50.82 -39.52 -3.66
N VAL A 48 -51.87 -39.12 -2.94
CA VAL A 48 -52.87 -38.21 -3.47
C VAL A 48 -52.57 -36.81 -3.00
N LYS A 49 -52.38 -35.89 -3.95
CA LYS A 49 -52.12 -34.50 -3.63
C LYS A 49 -53.27 -33.61 -4.09
N ILE A 50 -53.43 -32.46 -3.44
CA ILE A 50 -54.39 -31.47 -3.85
C ILE A 50 -53.78 -30.61 -4.94
N ILE A 51 -54.53 -30.35 -6.01
CA ILE A 51 -54.11 -29.35 -7.00
C ILE A 51 -54.84 -28.07 -6.69
N PRO A 52 -54.12 -27.08 -6.16
CA PRO A 52 -54.78 -25.81 -5.97
C PRO A 52 -54.92 -25.04 -7.28
N PRO A 53 -55.95 -24.16 -7.37
CA PRO A 53 -56.07 -23.26 -8.52
C PRO A 53 -54.87 -22.34 -8.60
N GLN A 54 -54.47 -21.97 -9.82
CA GLN A 54 -53.34 -21.09 -10.03
C GLN A 54 -53.37 -19.83 -9.16
N SER A 55 -54.56 -19.32 -8.88
CA SER A 55 -54.71 -18.08 -8.10
C SER A 55 -54.39 -18.26 -6.62
N ASP A 56 -54.14 -19.51 -6.23
CA ASP A 56 -53.82 -19.86 -4.86
C ASP A 56 -52.31 -20.10 -4.64
N ARG A 57 -51.61 -20.46 -5.71
CA ARG A 57 -50.27 -21.05 -5.63
C ARG A 57 -49.20 -20.15 -5.01
N GLN A 58 -49.14 -18.91 -5.47
CA GLN A 58 -48.25 -17.94 -4.87
C GLN A 58 -48.35 -17.92 -3.34
N LYS A 59 -49.56 -17.82 -2.81
CA LYS A 59 -49.81 -17.70 -1.36
C LYS A 59 -49.34 -18.97 -0.62
N ILE A 60 -49.48 -20.11 -1.29
CA ILE A 60 -49.05 -21.38 -0.75
C ILE A 60 -47.52 -21.42 -0.65
N VAL A 61 -46.84 -21.10 -1.75
CA VAL A 61 -45.37 -21.13 -1.80
C VAL A 61 -44.80 -20.23 -0.71
N LEU A 62 -45.43 -19.08 -0.55
CA LEU A 62 -45.00 -18.13 0.42
C LEU A 62 -45.14 -18.68 1.85
N GLN A 63 -46.25 -19.35 2.12
CA GLN A 63 -46.48 -19.95 3.42
C GLN A 63 -45.45 -21.03 3.71
N ALA A 64 -45.19 -21.87 2.73
CA ALA A 64 -44.17 -22.90 2.85
C ALA A 64 -42.81 -22.24 3.14
N HIS A 65 -42.43 -21.28 2.31
CA HIS A 65 -41.14 -20.64 2.43
C HIS A 65 -40.98 -19.97 3.77
N ASN A 66 -42.03 -19.32 4.26
CA ASN A 66 -41.89 -18.46 5.44
C ASN A 66 -41.77 -19.17 6.76
N LEU A 67 -42.04 -20.48 6.77
CA LEU A 67 -41.92 -21.25 8.00
C LEU A 67 -40.56 -21.05 8.59
N ALA A 68 -39.51 -21.27 7.78
CA ALA A 68 -38.14 -21.01 8.24
C ALA A 68 -37.25 -20.33 7.19
N HIS A 69 -37.85 -19.71 6.18
CA HIS A 69 -37.12 -19.02 5.12
C HIS A 69 -36.12 -19.95 4.45
N THR A 70 -36.67 -21.07 4.04
CA THR A 70 -35.95 -22.17 3.42
C THR A 70 -35.73 -21.91 1.94
N GLY A 71 -34.67 -22.50 1.40
CA GLY A 71 -34.33 -22.42 -0.02
C GLY A 71 -35.18 -23.35 -0.87
N ARG A 72 -34.66 -23.74 -2.02
CA ARG A 72 -35.47 -24.38 -3.06
C ARG A 72 -36.04 -25.71 -2.61
N GLU A 73 -35.17 -26.66 -2.28
CA GLU A 73 -35.59 -28.02 -1.99
C GLU A 73 -36.35 -28.13 -0.68
N ALA A 74 -35.88 -27.46 0.36
CA ALA A 74 -36.58 -27.55 1.65
C ALA A 74 -37.98 -26.93 1.59
N THR A 75 -38.17 -25.93 0.73
CA THR A 75 -39.46 -25.29 0.57
C THR A 75 -40.33 -26.23 -0.24
N LEU A 76 -39.77 -26.74 -1.33
CA LEU A 76 -40.50 -27.69 -2.14
C LEU A 76 -40.97 -28.90 -1.33
N LEU A 77 -40.10 -29.48 -0.53
CA LEU A 77 -40.48 -30.66 0.26
C LEU A 77 -41.68 -30.37 1.15
N LYS A 78 -41.79 -29.17 1.68
CA LYS A 78 -42.98 -28.85 2.44
C LYS A 78 -44.22 -28.89 1.56
N ILE A 79 -44.20 -28.16 0.44
CA ILE A 79 -45.37 -28.06 -0.42
C ILE A 79 -45.79 -29.45 -0.92
N ALA A 80 -44.82 -30.23 -1.40
CA ALA A 80 -45.10 -31.55 -1.90
C ALA A 80 -45.83 -32.44 -0.89
N ASN A 81 -45.72 -32.15 0.40
CA ASN A 81 -46.49 -32.90 1.38
C ASN A 81 -48.01 -32.93 1.10
N LEU A 82 -48.55 -31.79 0.68
CA LEU A 82 -49.99 -31.62 0.47
C LEU A 82 -50.38 -31.41 -0.99
N TYR A 83 -49.53 -30.72 -1.74
CA TYR A 83 -49.95 -30.24 -3.05
C TYR A 83 -49.19 -30.83 -4.20
N TRP A 84 -49.80 -30.79 -5.38
CA TRP A 84 -49.09 -30.95 -6.63
C TRP A 84 -49.66 -29.98 -7.64
N TRP A 85 -48.77 -29.44 -8.48
CA TRP A 85 -49.16 -28.74 -9.69
C TRP A 85 -47.97 -28.74 -10.69
N PRO A 86 -48.20 -28.42 -11.98
CA PRO A 86 -47.08 -28.43 -12.93
C PRO A 86 -46.00 -27.44 -12.54
N ASN A 87 -44.74 -27.85 -12.64
CA ASN A 87 -43.57 -26.97 -12.48
C ASN A 87 -43.51 -26.22 -11.14
N MET A 88 -43.64 -26.97 -10.05
CA MET A 88 -43.68 -26.35 -8.73
C MET A 88 -42.40 -25.55 -8.38
N ARG A 89 -41.24 -26.08 -8.73
CA ARG A 89 -40.01 -25.38 -8.42
C ARG A 89 -39.90 -24.01 -9.10
N LYS A 90 -40.44 -23.86 -10.30
CA LYS A 90 -40.41 -22.53 -10.94
C LYS A 90 -41.10 -21.52 -10.05
N ASP A 91 -42.22 -21.92 -9.46
CA ASP A 91 -42.95 -21.04 -8.57
C ASP A 91 -42.22 -20.85 -7.25
N VAL A 92 -41.51 -21.88 -6.80
CA VAL A 92 -40.70 -21.78 -5.61
C VAL A 92 -39.58 -20.77 -5.84
N VAL A 93 -38.81 -20.98 -6.92
CA VAL A 93 -37.71 -20.09 -7.27
C VAL A 93 -38.16 -18.64 -7.50
N LYS A 94 -39.31 -18.47 -8.14
CA LYS A 94 -39.90 -17.14 -8.29
C LYS A 94 -39.98 -16.43 -6.95
N GLN A 95 -40.46 -17.11 -5.91
CA GLN A 95 -40.61 -16.46 -4.62
C GLN A 95 -39.30 -16.18 -3.92
N LEU A 96 -38.34 -17.12 -4.04
CA LEU A 96 -37.02 -16.96 -3.42
C LEU A 96 -36.35 -15.68 -3.93
N GLY A 97 -36.39 -15.47 -5.25
CA GLY A 97 -35.86 -14.27 -5.86
C GLY A 97 -36.52 -12.97 -5.42
N ARG A 98 -37.64 -13.06 -4.71
CA ARG A 98 -38.36 -11.88 -4.23
C ARG A 98 -38.38 -11.77 -2.70
N CYS A 99 -37.67 -12.66 -2.01
CA CYS A 99 -37.64 -12.57 -0.55
C CYS A 99 -36.45 -11.70 -0.14
N GLN A 100 -36.74 -10.48 0.26
CA GLN A 100 -35.71 -9.51 0.56
C GLN A 100 -34.84 -10.07 1.67
N GLN A 101 -35.49 -10.59 2.72
CA GLN A 101 -34.81 -11.16 3.86
C GLN A 101 -33.86 -12.33 3.52
N CYS A 102 -34.30 -13.25 2.68
CA CYS A 102 -33.39 -14.30 2.23
C CYS A 102 -32.22 -13.77 1.41
N LEU A 103 -32.49 -12.83 0.49
CA LEU A 103 -31.46 -12.33 -0.43
C LEU A 103 -30.31 -11.60 0.28
N ILE A 104 -30.65 -10.87 1.34
CA ILE A 104 -29.68 -10.08 2.06
C ILE A 104 -29.04 -10.80 3.28
N THR A 105 -29.59 -11.96 3.66
CA THR A 105 -29.09 -12.74 4.81
C THR A 105 -28.33 -14.00 4.41
N ASN A 106 -28.78 -14.73 3.37
CA ASN A 106 -28.12 -15.98 2.98
C ASN A 106 -26.68 -15.76 2.55
N ALA A 107 -25.89 -16.82 2.59
CA ALA A 107 -24.52 -16.73 2.17
C ALA A 107 -24.47 -17.01 0.68
N SER A 108 -23.36 -16.64 0.05
CA SER A 108 -23.14 -17.00 -1.33
C SER A 108 -22.65 -18.41 -1.35
N ASN A 109 -22.86 -19.08 -2.46
CA ASN A 109 -22.25 -20.36 -2.66
C ASN A 109 -21.49 -20.41 -3.99
N LYS A 110 -21.03 -19.25 -4.44
CA LYS A 110 -20.17 -19.17 -5.62
C LYS A 110 -18.88 -18.42 -5.28
N ALA A 111 -17.74 -18.95 -5.72
CA ALA A 111 -16.44 -18.37 -5.40
C ALA A 111 -16.13 -17.28 -6.41
N SER A 112 -15.36 -16.28 -6.00
CA SER A 112 -14.77 -15.30 -6.93
C SER A 112 -13.88 -15.95 -7.99
N GLY A 113 -13.72 -15.25 -9.11
CA GLY A 113 -12.79 -15.68 -10.15
C GLY A 113 -11.39 -15.56 -9.60
N PRO A 114 -10.44 -16.26 -10.21
CA PRO A 114 -9.04 -16.31 -9.79
C PRO A 114 -8.39 -14.93 -9.80
N ILE A 115 -7.50 -14.69 -8.83
CA ILE A 115 -6.91 -13.37 -8.59
C ILE A 115 -6.08 -12.84 -9.78
N LEU A 116 -5.89 -11.53 -9.84
CA LEU A 116 -4.96 -10.95 -10.79
C LEU A 116 -3.58 -10.86 -10.17
N ARG A 117 -2.54 -11.03 -10.97
CA ARG A 117 -1.21 -10.73 -10.48
C ARG A 117 -0.71 -9.53 -11.22
N PRO A 118 -1.01 -8.31 -10.74
CA PRO A 118 -0.63 -7.08 -11.48
C PRO A 118 0.86 -7.02 -11.77
N ASP A 119 1.24 -6.45 -12.91
CA ASP A 119 2.65 -6.26 -13.22
C ASP A 119 3.38 -5.51 -12.12
N ARG A 120 4.56 -6.00 -11.76
CA ARG A 120 5.44 -5.33 -10.82
C ARG A 120 5.77 -3.98 -11.39
N PRO A 121 5.65 -2.89 -10.61
CA PRO A 121 6.07 -1.58 -11.16
C PRO A 121 7.46 -1.67 -11.75
N GLN A 122 7.69 -0.96 -12.86
CA GLN A 122 8.95 -1.08 -13.59
C GLN A 122 10.18 -0.49 -12.88
N LYS A 123 9.98 0.60 -12.16
CA LYS A 123 11.08 1.32 -11.53
C LYS A 123 10.87 1.52 -10.03
N PRO A 124 11.98 1.62 -9.26
CA PRO A 124 11.81 2.12 -7.91
C PRO A 124 11.15 3.48 -7.99
N PHE A 125 10.31 3.78 -7.02
CA PHE A 125 9.59 5.04 -6.94
C PHE A 125 8.42 5.24 -7.90
N ASP A 126 8.18 4.27 -8.79
CA ASP A 126 6.91 4.30 -9.56
C ASP A 126 5.69 4.24 -8.65
N LYS A 127 5.67 3.26 -7.72
CA LYS A 127 4.49 3.07 -6.85
C LYS A 127 4.88 2.75 -5.43
N PHE A 128 4.28 3.46 -4.49
CA PHE A 128 4.44 3.16 -3.10
C PHE A 128 3.15 2.56 -2.59
N PHE A 129 3.26 1.52 -1.77
CA PHE A 129 2.13 0.96 -1.05
C PHE A 129 2.29 1.32 0.41
N ILE A 130 1.26 1.91 1.00
CA ILE A 130 1.34 2.31 2.39
C ILE A 130 0.18 1.79 3.22
N ASP A 131 0.41 1.72 4.54
CA ASP A 131 -0.56 1.16 5.46
C ASP A 131 -0.17 1.41 6.90
N TYR A 132 -1.18 1.36 7.78
CA TYR A 132 -0.91 1.32 9.21
C TYR A 132 -1.01 -0.06 9.81
N ILE A 133 -0.12 -0.31 10.76
CA ILE A 133 -0.21 -1.42 11.67
C ILE A 133 -0.49 -0.81 13.05
N GLY A 134 -1.37 -1.46 13.82
CA GLY A 134 -1.67 -1.03 15.19
C GLY A 134 -3.15 -1.08 15.51
N PRO A 135 -3.51 -0.74 16.75
CA PRO A 135 -2.59 -0.32 17.81
C PRO A 135 -1.70 -1.47 18.29
N LEU A 136 -0.46 -1.13 18.62
CA LEU A 136 0.45 -2.04 19.28
C LEU A 136 0.47 -1.67 20.77
N PRO A 137 1.13 -2.51 21.63
CA PRO A 137 1.26 -2.04 23.02
C PRO A 137 2.02 -0.72 23.01
N PRO A 138 1.66 0.22 23.89
CA PRO A 138 2.40 1.49 23.90
C PRO A 138 3.90 1.26 24.03
N SER A 139 4.69 1.95 23.23
CA SER A 139 6.13 2.02 23.40
C SER A 139 6.55 3.47 23.20
N GLN A 140 7.26 4.03 24.17
CA GLN A 140 7.63 5.46 24.17
C GLN A 140 6.44 6.38 23.87
N GLY A 141 5.22 5.90 24.11
CA GLY A 141 4.04 6.71 23.82
C GLY A 141 3.54 6.61 22.38
N TYR A 142 4.17 5.70 21.62
CA TYR A 142 3.76 5.38 20.25
C TYR A 142 2.89 4.13 20.22
N LEU A 143 1.98 4.09 19.24
CA LEU A 143 0.97 3.05 19.20
C LEU A 143 0.81 2.43 17.81
N TYR A 144 1.23 3.15 16.78
CA TYR A 144 1.08 2.65 15.41
C TYR A 144 2.39 2.68 14.63
N VAL A 145 2.44 1.97 13.51
CA VAL A 145 3.58 2.05 12.61
C VAL A 145 3.05 2.35 11.23
N LEU A 146 3.60 3.40 10.60
CA LEU A 146 3.35 3.66 9.19
C LEU A 146 4.38 2.87 8.39
N VAL A 147 3.88 2.03 7.48
CA VAL A 147 4.71 1.16 6.69
C VAL A 147 4.59 1.58 5.24
N VAL A 148 5.72 1.90 4.62
CA VAL A 148 5.74 2.35 3.23
C VAL A 148 6.63 1.39 2.45
N VAL A 149 6.08 0.80 1.39
CA VAL A 149 6.79 -0.21 0.64
C VAL A 149 6.87 0.18 -0.84
N ASP A 150 8.09 0.26 -1.36
CA ASP A 150 8.25 0.51 -2.76
C ASP A 150 7.86 -0.71 -3.58
N GLY A 151 7.02 -0.52 -4.58
CA GLY A 151 6.44 -1.64 -5.29
C GLY A 151 7.44 -2.45 -6.08
N MET A 152 8.42 -1.79 -6.67
CA MET A 152 9.35 -2.50 -7.54
C MET A 152 10.37 -3.26 -6.72
N THR A 153 10.87 -2.62 -5.67
CA THR A 153 12.00 -3.17 -4.92
C THR A 153 11.59 -3.97 -3.68
N GLY A 154 10.44 -3.63 -3.10
CA GLY A 154 10.06 -4.18 -1.80
C GLY A 154 10.76 -3.46 -0.66
N PHE A 155 11.62 -2.50 -1.00
CA PHE A 155 12.30 -1.70 0.00
C PHE A 155 11.30 -0.98 0.89
N THR A 156 11.55 -0.97 2.19
CA THR A 156 10.55 -0.56 3.17
C THR A 156 11.02 0.54 4.11
N TRP A 157 10.12 1.45 4.41
CA TRP A 157 10.37 2.47 5.42
C TRP A 157 9.39 2.34 6.59
N LEU A 158 9.87 2.50 7.82
CA LEU A 158 9.02 2.38 8.98
C LEU A 158 9.02 3.64 9.80
N TYR A 159 7.84 4.07 10.22
CA TYR A 159 7.69 5.25 11.04
C TYR A 159 6.70 4.98 12.17
N PRO A 160 7.14 5.19 13.42
CA PRO A 160 6.26 5.03 14.58
C PRO A 160 5.35 6.23 14.70
N THR A 161 4.06 6.03 14.97
CA THR A 161 3.18 7.16 15.20
C THR A 161 2.29 6.93 16.40
N LYS A 162 1.77 8.03 16.94
CA LYS A 162 0.82 8.01 18.05
C LYS A 162 -0.59 7.70 17.59
N ALA A 163 -0.89 7.95 16.32
CA ALA A 163 -2.22 7.68 15.76
C ALA A 163 -2.15 7.45 14.25
N PRO A 164 -3.10 6.67 13.68
CA PRO A 164 -3.10 6.47 12.24
C PRO A 164 -3.72 7.68 11.54
N SER A 165 -3.09 8.84 11.71
CA SER A 165 -3.61 10.15 11.25
C SER A 165 -2.92 10.77 10.00
N THR A 166 -3.66 11.60 9.29
CA THR A 166 -3.12 12.33 8.16
C THR A 166 -1.88 13.08 8.60
N SER A 167 -1.99 13.83 9.70
CA SER A 167 -0.89 14.69 10.07
C SER A 167 0.39 13.90 10.35
N ALA A 168 0.25 12.73 10.97
CA ALA A 168 1.43 11.90 11.22
C ALA A 168 1.93 11.25 9.92
N THR A 169 1.02 10.96 9.01
CA THR A 169 1.36 10.40 7.71
C THR A 169 2.15 11.44 6.93
N VAL A 170 1.64 12.66 6.94
CA VAL A 170 2.30 13.80 6.29
C VAL A 170 3.72 14.09 6.85
N LYS A 171 3.88 14.14 8.18
CA LYS A 171 5.22 14.32 8.76
C LYS A 171 6.19 13.25 8.28
N SER A 172 5.73 12.00 8.24
CA SER A 172 6.59 10.87 7.89
C SER A 172 6.95 10.91 6.42
N LEU A 173 5.95 11.16 5.58
CA LEU A 173 6.19 11.19 4.14
C LEU A 173 7.09 12.36 3.71
N ASN A 174 7.02 13.46 4.44
CA ASN A 174 7.94 14.56 4.22
C ASN A 174 9.37 14.13 4.50
N VAL A 175 9.58 13.27 5.49
CA VAL A 175 10.94 12.79 5.75
C VAL A 175 11.35 11.85 4.63
N LEU A 176 10.44 10.97 4.23
CA LEU A 176 10.77 9.96 3.25
C LEU A 176 11.05 10.61 1.91
N THR A 177 10.14 11.50 1.48
CA THR A 177 10.18 12.05 0.13
C THR A 177 11.36 12.98 -0.08
N SER A 178 12.01 13.39 1.00
CA SER A 178 13.37 13.95 0.95
C SER A 178 14.32 13.17 0.07
N ILE A 179 14.19 11.84 0.02
CA ILE A 179 15.10 11.01 -0.78
C ILE A 179 14.67 11.04 -2.24
N ALA A 180 13.37 10.93 -2.47
CA ALA A 180 12.80 10.81 -3.82
C ALA A 180 11.31 10.92 -3.72
N ILE A 181 10.69 11.39 -4.78
CA ILE A 181 9.25 11.50 -4.86
C ILE A 181 8.74 10.39 -5.77
N PRO A 182 7.72 9.63 -5.32
CA PRO A 182 7.13 8.56 -6.11
C PRO A 182 6.09 9.11 -7.09
N LYS A 183 5.82 8.42 -8.19
CA LYS A 183 4.72 8.84 -9.09
C LYS A 183 3.34 8.62 -8.44
N VAL A 184 3.16 7.43 -7.88
CA VAL A 184 1.90 7.01 -7.30
C VAL A 184 2.09 6.50 -5.87
N ILE A 185 1.17 6.86 -5.00
CA ILE A 185 1.04 6.23 -3.71
C ILE A 185 -0.28 5.46 -3.66
N HIS A 186 -0.19 4.16 -3.38
CA HIS A 186 -1.37 3.31 -3.22
C HIS A 186 -1.66 3.04 -1.74
N SER A 187 -2.92 3.19 -1.36
CA SER A 187 -3.35 2.91 0.00
C SER A 187 -4.78 2.43 0.05
N ASP A 188 -5.17 1.79 1.15
CA ASP A 188 -6.57 1.43 1.36
C ASP A 188 -7.30 2.73 1.70
N GLN A 189 -8.58 2.63 2.06
CA GLN A 189 -9.38 3.83 2.32
C GLN A 189 -9.46 4.20 3.79
N GLY A 190 -8.38 4.01 4.53
CA GLY A 190 -8.35 4.45 5.93
C GLY A 190 -8.52 5.96 5.99
N ALA A 191 -9.03 6.47 7.11
CA ALA A 191 -9.23 7.91 7.28
C ALA A 191 -7.97 8.75 7.00
N ALA A 192 -6.80 8.29 7.45
CA ALA A 192 -5.53 9.03 7.23
C ALA A 192 -5.26 9.40 5.77
N PHE A 193 -5.62 8.51 4.84
CA PHE A 193 -5.26 8.65 3.43
C PHE A 193 -6.36 9.22 2.53
N THR A 194 -7.59 9.29 3.05
CA THR A 194 -8.73 9.72 2.22
C THR A 194 -9.11 11.16 2.52
N SER A 195 -8.51 11.73 3.56
CA SER A 195 -8.79 13.11 3.94
C SER A 195 -8.33 14.04 2.83
N SER A 196 -8.98 15.18 2.72
CA SER A 196 -8.62 16.15 1.69
C SER A 196 -7.28 16.80 2.02
N THR A 197 -6.94 16.90 3.31
CA THR A 197 -5.60 17.39 3.70
C THR A 197 -4.50 16.56 3.06
N PHE A 198 -4.75 15.26 2.93
CA PHE A 198 -3.76 14.37 2.38
C PHE A 198 -3.73 14.48 0.87
N ALA A 199 -4.90 14.66 0.27
CA ALA A 199 -5.01 14.91 -1.16
C ALA A 199 -4.25 16.17 -1.57
N GLU A 200 -4.43 17.25 -0.80
CA GLU A 200 -3.72 18.50 -1.05
C GLU A 200 -2.22 18.27 -0.96
N TRP A 201 -1.78 17.58 0.11
CA TRP A 201 -0.36 17.29 0.29
C TRP A 201 0.21 16.57 -0.93
N ALA A 202 -0.58 15.67 -1.52
CA ALA A 202 -0.13 14.85 -2.64
C ALA A 202 -0.07 15.64 -3.93
N LYS A 203 -1.10 16.46 -4.18
CA LYS A 203 -1.23 17.26 -5.39
C LYS A 203 -0.09 18.26 -5.46
N GLU A 204 0.21 18.87 -4.32
CA GLU A 204 1.34 19.78 -4.17
C GLU A 204 2.65 19.19 -4.65
N ARG A 205 2.75 17.87 -4.78
CA ARG A 205 4.03 17.25 -5.10
C ARG A 205 3.99 16.43 -6.36
N GLY A 206 2.85 16.50 -7.04
CA GLY A 206 2.67 15.78 -8.30
C GLY A 206 2.50 14.28 -8.14
N ILE A 207 2.23 13.84 -6.91
CA ILE A 207 1.99 12.43 -6.59
C ILE A 207 0.50 12.10 -6.79
N HIS A 208 0.22 11.05 -7.57
CA HIS A 208 -1.13 10.57 -7.77
C HIS A 208 -1.53 9.53 -6.68
N LEU A 209 -2.65 9.77 -6.00
CA LEU A 209 -3.17 8.82 -5.02
C LEU A 209 -4.04 7.79 -5.74
N GLU A 210 -3.85 6.53 -5.37
CA GLU A 210 -4.61 5.43 -5.95
C GLU A 210 -5.07 4.62 -4.76
N PHE A 211 -6.37 4.38 -4.66
CA PHE A 211 -6.98 3.71 -3.49
C PHE A 211 -7.48 2.34 -3.81
N SER A 212 -7.27 1.44 -2.85
CA SER A 212 -7.80 0.09 -2.93
C SER A 212 -9.31 0.15 -2.90
N THR A 213 -9.97 -0.84 -3.51
CA THR A 213 -11.40 -1.00 -3.26
C THR A 213 -11.59 -1.21 -1.76
N PRO A 214 -12.73 -0.75 -1.20
CA PRO A 214 -12.82 -0.74 0.27
C PRO A 214 -12.87 -2.13 0.89
N TYR A 215 -12.24 -2.28 2.06
CA TYR A 215 -12.25 -3.52 2.82
C TYR A 215 -11.73 -4.71 2.02
N HIS A 216 -10.57 -4.53 1.40
CA HIS A 216 -9.98 -5.54 0.54
C HIS A 216 -8.47 -5.40 0.54
N PRO A 217 -7.85 -5.70 1.69
CA PRO A 217 -6.44 -5.47 1.91
C PRO A 217 -5.54 -6.28 0.97
N GLN A 218 -6.09 -7.28 0.30
CA GLN A 218 -5.34 -7.94 -0.77
C GLN A 218 -4.85 -6.94 -1.84
N SER A 219 -5.65 -5.91 -2.10
CA SER A 219 -5.31 -4.91 -3.08
C SER A 219 -4.03 -4.18 -2.65
N SER A 220 -3.89 -3.92 -1.35
CA SER A 220 -2.62 -3.41 -0.83
C SER A 220 -1.65 -4.56 -0.45
N GLY A 221 -1.80 -5.70 -1.12
CA GLY A 221 -1.02 -6.91 -0.83
C GLY A 221 0.48 -6.73 -0.55
N LYS A 222 1.15 -6.01 -1.45
CA LYS A 222 2.55 -5.64 -1.28
C LYS A 222 2.88 -5.16 0.14
N VAL A 223 2.13 -4.19 0.66
CA VAL A 223 2.49 -3.66 1.97
C VAL A 223 1.95 -4.59 3.07
N GLU A 224 0.78 -5.16 2.83
CA GLU A 224 0.15 -6.03 3.83
C GLU A 224 1.12 -7.19 4.15
N ARG A 225 1.68 -7.80 3.10
CA ARG A 225 2.61 -8.89 3.27
C ARG A 225 3.88 -8.50 4.02
N LYS A 226 4.35 -7.28 3.80
CA LYS A 226 5.49 -6.79 4.55
C LYS A 226 5.12 -6.56 6.04
N ASN A 227 3.88 -6.14 6.33
CA ASN A 227 3.40 -6.05 7.72
C ASN A 227 3.66 -7.35 8.51
N SER A 228 3.31 -8.47 7.89
CA SER A 228 3.51 -9.77 8.46
C SER A 228 4.96 -9.95 8.85
N ASP A 229 5.89 -9.80 7.90
CA ASP A 229 7.32 -9.92 8.21
C ASP A 229 7.77 -8.97 9.31
N ILE A 230 7.21 -7.76 9.32
CA ILE A 230 7.61 -6.77 10.30
C ILE A 230 7.22 -7.28 11.70
N LYS A 231 5.96 -7.69 11.86
CA LYS A 231 5.49 -8.21 13.12
C LYS A 231 6.23 -9.50 13.51
N ARG A 232 6.41 -10.39 12.53
CA ARG A 232 7.10 -11.66 12.79
C ARG A 232 8.52 -11.43 13.38
N LEU A 233 9.29 -10.50 12.78
CA LEU A 233 10.62 -10.17 13.26
C LEU A 233 10.56 -9.46 14.59
N LEU A 234 9.60 -8.56 14.77
CA LEU A 234 9.47 -7.88 16.06
C LEU A 234 9.22 -8.89 17.17
N THR A 235 8.29 -9.81 16.90
CA THR A 235 7.95 -10.88 17.85
C THR A 235 9.21 -11.66 18.28
N LYS A 236 9.94 -12.22 17.31
CA LYS A 236 11.15 -12.99 17.60
C LYS A 236 12.11 -12.20 18.49
N LEU A 237 12.27 -10.92 18.21
CA LEU A 237 13.23 -10.08 18.91
C LEU A 237 12.79 -9.73 20.32
N LEU A 238 11.50 -9.85 20.59
CA LEU A 238 10.93 -9.42 21.87
C LEU A 238 10.64 -10.60 22.83
N VAL A 239 10.82 -11.83 22.33
CA VAL A 239 10.64 -13.05 23.14
C VAL A 239 11.36 -12.91 24.49
N GLY A 240 10.62 -13.11 25.58
CA GLY A 240 11.17 -13.05 26.93
C GLY A 240 11.45 -11.64 27.45
N ARG A 241 11.17 -10.61 26.65
CA ARG A 241 11.35 -9.22 27.08
C ARG A 241 10.04 -8.47 27.02
N PRO A 242 9.96 -7.31 27.68
CA PRO A 242 8.76 -6.52 27.50
C PRO A 242 8.69 -5.90 26.09
N THR A 243 7.49 -5.59 25.61
CA THR A 243 7.30 -5.25 24.19
C THR A 243 7.72 -3.81 23.85
N LYS A 244 8.99 -3.51 24.07
CA LYS A 244 9.58 -2.21 23.78
C LYS A 244 10.02 -2.20 22.32
N TRP A 245 9.07 -1.97 21.42
CA TRP A 245 9.31 -2.08 19.98
C TRP A 245 9.82 -0.80 19.30
N TYR A 246 9.53 0.36 19.89
CA TYR A 246 9.96 1.63 19.34
C TYR A 246 11.43 1.63 18.89
N ASP A 247 12.34 1.33 19.82
CA ASP A 247 13.76 1.33 19.53
C ASP A 247 14.16 0.25 18.54
N LEU A 248 13.24 -0.68 18.25
CA LEU A 248 13.57 -1.76 17.30
C LEU A 248 13.22 -1.44 15.84
N LEU A 249 12.28 -0.54 15.61
CA LEU A 249 11.90 -0.24 14.22
C LEU A 249 13.09 -0.04 13.26
N PRO A 250 14.08 0.80 13.65
CA PRO A 250 15.21 0.97 12.73
C PRO A 250 15.92 -0.35 12.39
N VAL A 251 16.19 -1.17 13.40
CA VAL A 251 16.83 -2.47 13.22
C VAL A 251 16.02 -3.37 12.29
N VAL A 252 14.71 -3.40 12.49
CA VAL A 252 13.84 -4.23 11.68
C VAL A 252 13.88 -3.74 10.24
N GLN A 253 13.64 -2.44 10.05
CA GLN A 253 13.75 -1.85 8.70
C GLN A 253 15.01 -2.35 7.99
N LEU A 254 16.16 -2.11 8.60
CA LEU A 254 17.43 -2.49 7.99
C LEU A 254 17.50 -4.00 7.74
N ALA A 255 17.03 -4.78 8.71
CA ALA A 255 17.13 -6.24 8.62
C ALA A 255 16.32 -6.75 7.45
N LEU A 256 15.07 -6.27 7.33
CA LEU A 256 14.21 -6.71 6.24
C LEU A 256 14.65 -6.22 4.84
N ASN A 257 15.12 -4.97 4.73
CA ASN A 257 15.55 -4.43 3.44
C ASN A 257 16.78 -5.15 2.91
N ASN A 258 17.50 -5.85 3.80
CA ASN A 258 18.68 -6.61 3.42
C ASN A 258 18.54 -8.13 3.48
N THR A 259 17.29 -8.60 3.55
CA THR A 259 16.97 -10.03 3.50
C THR A 259 16.60 -10.51 2.09
N TYR A 260 17.19 -11.63 1.70
CA TYR A 260 16.95 -12.21 0.39
C TYR A 260 15.51 -12.72 0.26
N SER A 261 14.96 -12.62 -0.95
CA SER A 261 13.75 -13.34 -1.26
C SER A 261 14.23 -14.54 -2.05
N PRO A 262 14.03 -15.74 -1.49
CA PRO A 262 14.51 -16.92 -2.21
C PRO A 262 14.04 -17.03 -3.66
N VAL A 263 12.85 -16.54 -4.00
CA VAL A 263 12.38 -16.65 -5.39
C VAL A 263 13.09 -15.67 -6.33
N LEU A 264 13.45 -14.52 -5.77
CA LEU A 264 14.07 -13.46 -6.52
C LEU A 264 15.57 -13.63 -6.55
N LYS A 265 16.15 -14.09 -5.44
CA LYS A 265 17.61 -14.16 -5.25
C LYS A 265 18.24 -12.80 -5.05
N TYR A 266 17.42 -11.83 -4.66
CA TYR A 266 17.90 -10.49 -4.36
C TYR A 266 17.26 -9.98 -3.09
N THR A 267 17.95 -9.05 -2.43
CA THR A 267 17.40 -8.34 -1.30
C THR A 267 16.77 -7.07 -1.83
N PRO A 268 15.86 -6.46 -1.06
CA PRO A 268 15.26 -5.26 -1.65
C PRO A 268 16.26 -4.11 -1.79
N HIS A 269 17.28 -4.11 -0.95
CA HIS A 269 18.33 -3.10 -1.03
C HIS A 269 19.06 -3.24 -2.37
N GLN A 270 19.41 -4.48 -2.72
CA GLN A 270 20.07 -4.77 -3.98
C GLN A 270 19.25 -4.31 -5.17
N LEU A 271 17.96 -4.63 -5.18
CA LEU A 271 17.08 -4.12 -6.23
C LEU A 271 17.02 -2.59 -6.24
N LEU A 272 17.18 -1.97 -5.07
CA LEU A 272 17.12 -0.51 -5.04
C LEU A 272 18.43 0.20 -5.47
N PHE A 273 19.59 -0.32 -5.09
CA PHE A 273 20.86 0.40 -5.28
C PHE A 273 21.82 -0.37 -6.15
N GLY A 274 21.56 -1.65 -6.36
CA GLY A 274 22.41 -2.49 -7.20
C GLY A 274 23.72 -2.81 -6.54
N ILE A 275 23.84 -2.48 -5.26
CA ILE A 275 25.04 -2.85 -4.50
C ILE A 275 24.78 -2.83 -2.99
N ASP A 276 25.25 -3.84 -2.30
CA ASP A 276 25.14 -3.88 -0.85
C ASP A 276 25.90 -2.75 -0.21
N SER A 277 25.35 -2.17 0.84
CA SER A 277 26.11 -1.25 1.68
C SER A 277 26.94 -2.06 2.68
N ASN A 278 27.52 -1.41 3.67
CA ASN A 278 28.38 -2.05 4.67
C ASN A 278 27.55 -2.75 5.74
N THR A 279 26.84 -3.78 5.31
CA THR A 279 26.13 -4.64 6.25
C THR A 279 26.75 -6.03 6.21
N PRO A 280 26.47 -6.84 7.23
CA PRO A 280 27.07 -8.18 7.29
C PRO A 280 26.81 -9.03 6.05
N PHE A 281 27.75 -9.87 5.69
CA PHE A 281 27.66 -10.74 4.51
C PHE A 281 27.29 -9.99 3.23
N ALA A 282 27.87 -8.80 3.03
CA ALA A 282 27.67 -8.02 1.81
C ALA A 282 28.14 -8.80 0.59
N ASN A 283 27.33 -8.77 -0.46
CA ASN A 283 27.66 -9.44 -1.70
C ASN A 283 28.78 -8.72 -2.44
N GLN A 284 29.78 -9.46 -2.89
CA GLN A 284 30.99 -8.85 -3.47
C GLN A 284 31.11 -9.02 -4.99
N ASP A 285 30.15 -9.70 -5.60
CA ASP A 285 30.19 -10.03 -7.03
C ASP A 285 30.44 -8.91 -8.04
N THR A 286 30.28 -7.64 -7.67
CA THR A 286 30.45 -6.58 -8.66
C THR A 286 31.56 -5.63 -8.30
N LEU A 287 32.45 -6.13 -7.44
CA LEU A 287 33.60 -5.38 -6.97
C LEU A 287 34.45 -4.82 -8.11
N ASP A 288 34.62 -5.59 -9.19
CA ASP A 288 35.43 -5.18 -10.35
C ASP A 288 34.67 -4.45 -11.45
N LEU A 289 33.35 -4.31 -11.33
CA LEU A 289 32.62 -3.52 -12.32
C LEU A 289 32.71 -2.07 -11.92
N THR A 290 32.63 -1.19 -12.91
CA THR A 290 32.46 0.24 -12.64
C THR A 290 31.01 0.43 -12.17
N ARG A 291 30.72 1.57 -11.56
CA ARG A 291 29.36 1.82 -11.15
C ARG A 291 28.45 1.72 -12.36
N GLU A 292 28.91 2.27 -13.49
CA GLU A 292 28.17 2.26 -14.75
C GLU A 292 27.88 0.85 -15.20
N GLU A 293 28.90 0.01 -15.18
CA GLU A 293 28.69 -1.39 -15.53
C GLU A 293 27.68 -2.02 -14.56
N GLU A 294 27.85 -1.72 -13.26
CA GLU A 294 26.95 -2.19 -12.21
C GLU A 294 25.48 -1.79 -12.42
N LEU A 295 25.24 -0.54 -12.81
CA LEU A 295 23.90 -0.01 -13.04
C LEU A 295 23.27 -0.58 -14.30
N SER A 296 24.13 -1.09 -15.16
CA SER A 296 23.71 -1.70 -16.40
C SER A 296 23.21 -3.12 -16.08
N LEU A 297 23.99 -3.88 -15.31
CA LEU A 297 23.57 -5.18 -14.81
C LEU A 297 22.29 -5.07 -13.93
N LEU A 298 22.22 -4.04 -13.09
CA LEU A 298 21.01 -3.78 -12.31
C LEU A 298 19.74 -3.60 -13.16
N GLN A 299 19.80 -2.78 -14.19
CA GLN A 299 18.64 -2.57 -15.10
C GLN A 299 18.18 -3.87 -15.69
N GLU A 300 19.14 -4.75 -15.97
CA GLU A 300 18.87 -6.05 -16.53
C GLU A 300 18.18 -6.95 -15.49
N ILE A 301 18.75 -7.07 -14.30
CA ILE A 301 18.15 -7.82 -13.21
C ILE A 301 16.70 -7.37 -12.96
N ARG A 302 16.46 -6.06 -13.02
CA ARG A 302 15.16 -5.51 -12.67
C ARG A 302 14.04 -5.95 -13.64
N THR A 303 14.42 -6.21 -14.89
CA THR A 303 13.42 -6.55 -15.89
C THR A 303 13.22 -8.06 -16.00
N SER A 304 14.17 -8.85 -15.52
CA SER A 304 14.05 -10.30 -15.63
C SER A 304 13.58 -10.98 -14.35
N LEU A 305 12.94 -10.25 -13.46
CA LEU A 305 12.50 -10.81 -12.18
C LEU A 305 11.29 -11.70 -12.40
N TYR A 306 11.24 -12.80 -11.67
CA TYR A 306 10.13 -13.75 -11.73
C TYR A 306 8.80 -13.06 -11.53
N HIS A 307 7.86 -13.31 -12.44
CA HIS A 307 6.49 -12.81 -12.24
C HIS A 307 5.44 -13.93 -12.19
N PRO A 308 4.66 -13.97 -11.09
CA PRO A 308 3.68 -15.05 -10.94
C PRO A 308 2.51 -14.86 -11.90
N SER A 309 1.82 -15.94 -12.25
CA SER A 309 0.62 -15.77 -13.08
C SER A 309 -0.68 -16.17 -12.39
N THR A 310 -1.79 -15.58 -12.88
CA THR A 310 -3.17 -15.89 -12.48
C THR A 310 -3.40 -17.40 -12.28
N PRO A 311 -3.88 -17.83 -11.10
CA PRO A 311 -4.13 -19.26 -10.82
C PRO A 311 -5.38 -19.83 -11.49
N PRO A 312 -5.50 -21.16 -11.59
CA PRO A 312 -6.71 -21.78 -12.15
C PRO A 312 -7.98 -21.38 -11.37
N ALA A 313 -9.07 -21.14 -12.09
CA ALA A 313 -10.37 -20.77 -11.45
C ALA A 313 -10.86 -21.95 -10.64
N SER A 314 -11.60 -21.68 -9.57
CA SER A 314 -12.27 -22.77 -8.89
C SER A 314 -13.45 -23.22 -9.76
N SER A 315 -13.91 -24.46 -9.56
CA SER A 315 -15.00 -25.02 -10.39
C SER A 315 -16.32 -24.26 -10.28
N ARG A 316 -16.50 -23.52 -9.20
CA ARG A 316 -17.74 -22.79 -9.02
C ARG A 316 -17.55 -21.30 -8.79
N SER A 317 -16.63 -20.72 -9.56
CA SER A 317 -16.41 -19.28 -9.57
C SER A 317 -17.49 -18.58 -10.40
N TRP A 318 -17.65 -17.28 -10.16
CA TRP A 318 -18.56 -16.47 -10.95
C TRP A 318 -17.82 -15.25 -11.42
N SER A 319 -18.19 -14.74 -12.59
CA SER A 319 -17.54 -13.53 -13.05
C SER A 319 -18.54 -12.50 -13.50
N PRO A 320 -18.31 -11.22 -13.14
CA PRO A 320 -19.25 -10.12 -13.27
C PRO A 320 -19.52 -9.75 -14.72
N VAL A 321 -20.78 -9.38 -14.99
CA VAL A 321 -21.25 -9.06 -16.32
C VAL A 321 -22.05 -7.77 -16.21
N VAL A 322 -21.84 -6.83 -17.14
CA VAL A 322 -22.54 -5.53 -17.06
C VAL A 322 -24.08 -5.71 -16.97
N GLY A 323 -24.71 -5.03 -16.03
CA GLY A 323 -26.18 -5.10 -15.84
C GLY A 323 -26.70 -6.19 -14.91
N GLN A 324 -25.82 -7.08 -14.46
CA GLN A 324 -26.11 -8.13 -13.49
C GLN A 324 -26.43 -7.56 -12.10
N LEU A 325 -27.38 -8.19 -11.42
CA LEU A 325 -27.73 -7.84 -10.05
C LEU A 325 -26.72 -8.48 -9.12
N VAL A 326 -26.14 -7.69 -8.23
CA VAL A 326 -25.09 -8.18 -7.34
C VAL A 326 -25.28 -7.54 -5.99
N GLN A 327 -24.65 -8.09 -4.96
CA GLN A 327 -24.80 -7.51 -3.63
C GLN A 327 -23.46 -7.28 -2.97
N GLU A 328 -23.28 -6.05 -2.49
CA GLU A 328 -22.11 -5.71 -1.73
C GLU A 328 -22.21 -6.27 -0.32
N ARG A 329 -21.10 -6.82 0.15
CA ARG A 329 -20.97 -7.28 1.52
C ARG A 329 -21.08 -6.11 2.49
N VAL A 330 -21.85 -6.27 3.56
CA VAL A 330 -21.89 -5.28 4.63
C VAL A 330 -20.54 -5.31 5.40
N ALA A 331 -19.94 -4.16 5.63
CA ALA A 331 -18.55 -4.12 6.07
C ALA A 331 -18.37 -4.55 7.55
N ARG A 332 -19.13 -3.92 8.44
CA ARG A 332 -18.99 -4.21 9.85
C ARG A 332 -20.42 -4.48 10.40
N PRO A 333 -21.00 -5.63 9.99
CA PRO A 333 -22.41 -5.86 10.30
C PRO A 333 -22.61 -6.03 11.77
N ALA A 334 -23.71 -5.46 12.27
CA ALA A 334 -24.08 -5.64 13.67
C ALA A 334 -24.58 -7.06 13.95
N SER A 335 -24.66 -7.36 15.24
CA SER A 335 -25.21 -8.62 15.66
C SER A 335 -26.65 -8.80 15.17
N LEU A 336 -26.95 -10.01 14.70
CA LEU A 336 -28.29 -10.35 14.20
C LEU A 336 -28.77 -9.46 13.07
N ARG A 337 -27.84 -8.91 12.30
CA ARG A 337 -28.21 -8.06 11.16
C ARG A 337 -27.66 -8.66 9.87
N PRO A 338 -28.32 -8.44 8.73
CA PRO A 338 -27.88 -9.08 7.47
C PRO A 338 -26.42 -8.78 7.08
N ARG A 339 -25.76 -9.77 6.48
CA ARG A 339 -24.36 -9.63 6.06
C ARG A 339 -24.24 -8.97 4.67
N TRP A 340 -25.37 -8.79 3.97
CA TRP A 340 -25.35 -8.25 2.60
C TRP A 340 -26.29 -7.06 2.43
N HIS A 341 -25.86 -6.09 1.64
CA HIS A 341 -26.70 -4.95 1.23
C HIS A 341 -27.75 -5.42 0.23
N LYS A 342 -28.78 -4.60 0.02
CA LYS A 342 -29.79 -4.84 -1.03
C LYS A 342 -29.14 -4.92 -2.41
N PRO A 343 -29.78 -5.61 -3.37
CA PRO A 343 -29.16 -5.80 -4.68
C PRO A 343 -28.85 -4.51 -5.43
N SER A 344 -27.81 -4.55 -6.25
CA SER A 344 -27.39 -3.42 -7.05
C SER A 344 -26.97 -3.86 -8.45
N THR A 345 -26.63 -2.90 -9.30
CA THR A 345 -26.38 -3.23 -10.71
C THR A 345 -24.94 -2.89 -11.11
N VAL A 346 -24.32 -3.86 -11.76
CA VAL A 346 -22.99 -3.70 -12.33
C VAL A 346 -23.08 -2.66 -13.44
N LEU A 347 -22.48 -1.49 -13.22
CA LEU A 347 -22.34 -0.46 -14.26
C LEU A 347 -21.23 -0.81 -15.22
N LYS A 348 -20.00 -0.83 -14.72
CA LYS A 348 -18.86 -1.21 -15.54
C LYS A 348 -18.06 -2.32 -14.89
N VAL A 349 -17.50 -3.19 -15.75
CA VAL A 349 -16.55 -4.22 -15.38
C VAL A 349 -15.13 -3.72 -15.68
N LEU A 350 -14.51 -3.06 -14.69
CA LEU A 350 -13.14 -2.55 -14.81
C LEU A 350 -12.12 -3.63 -15.17
N ASN A 351 -12.19 -4.78 -14.52
CA ASN A 351 -11.43 -5.99 -14.91
C ASN A 351 -12.16 -7.16 -14.29
N PRO A 352 -11.71 -8.41 -14.55
CA PRO A 352 -12.52 -9.51 -14.07
C PRO A 352 -12.68 -9.60 -12.54
N ARG A 353 -11.97 -8.78 -11.78
CA ARG A 353 -12.02 -8.84 -10.32
C ARG A 353 -12.47 -7.54 -9.68
N THR A 354 -12.86 -6.56 -10.50
CA THR A 354 -13.23 -5.23 -10.00
C THR A 354 -14.42 -4.69 -10.80
N VAL A 355 -15.40 -4.11 -10.11
CA VAL A 355 -16.57 -3.56 -10.81
C VAL A 355 -17.06 -2.23 -10.22
N VAL A 356 -17.80 -1.49 -11.05
CA VAL A 356 -18.52 -0.32 -10.58
C VAL A 356 -19.98 -0.68 -10.48
N ILE A 357 -20.58 -0.38 -9.33
CA ILE A 357 -21.98 -0.71 -9.11
C ILE A 357 -22.81 0.53 -8.79
N LEU A 358 -24.09 0.48 -9.18
CA LEU A 358 -25.10 1.46 -8.75
C LEU A 358 -26.00 0.88 -7.67
N ASP A 359 -25.98 1.51 -6.49
CA ASP A 359 -26.40 0.85 -5.26
C ASP A 359 -27.81 1.09 -4.73
N HIS A 360 -28.78 1.47 -5.59
CA HIS A 360 -30.19 1.72 -5.13
C HIS A 360 -30.43 3.11 -4.48
N LEU A 361 -29.36 3.77 -4.02
CA LEU A 361 -29.45 5.12 -3.43
C LEU A 361 -29.65 6.29 -4.42
N GLY A 362 -28.98 6.32 -5.59
CA GLY A 362 -28.00 5.34 -6.02
C GLY A 362 -26.64 5.98 -6.26
N ASN A 363 -25.63 5.46 -5.57
CA ASN A 363 -24.26 5.91 -5.75
C ASN A 363 -23.46 4.98 -6.63
N ASN A 364 -22.44 5.53 -7.27
CA ASN A 364 -21.44 4.75 -7.95
C ASN A 364 -20.44 4.33 -6.91
N ARG A 365 -20.07 3.05 -6.92
CA ARG A 365 -19.13 2.51 -5.96
C ARG A 365 -18.22 1.56 -6.69
N THR A 366 -16.92 1.75 -6.53
CA THR A 366 -15.93 0.82 -7.09
C THR A 366 -15.58 -0.22 -6.03
N VAL A 367 -15.73 -1.48 -6.40
CA VAL A 367 -15.85 -2.51 -5.41
C VAL A 367 -15.12 -3.78 -5.86
N SER A 368 -14.55 -4.51 -4.90
CA SER A 368 -13.89 -5.80 -5.19
C SER A 368 -14.93 -6.90 -5.41
N ILE A 369 -14.65 -7.79 -6.36
CA ILE A 369 -15.54 -8.92 -6.58
C ILE A 369 -15.69 -9.78 -5.29
N ASP A 370 -14.63 -9.81 -4.47
CA ASP A 370 -14.62 -10.58 -3.23
C ASP A 370 -15.61 -10.03 -2.22
N ASN A 371 -15.99 -8.76 -2.36
CA ASN A 371 -17.01 -8.20 -1.52
C ASN A 371 -18.39 -8.20 -2.19
N LEU A 372 -18.54 -9.07 -3.20
CA LEU A 372 -19.80 -9.24 -3.90
C LEU A 372 -20.28 -10.67 -3.96
N LYS A 373 -21.60 -10.84 -4.00
CA LYS A 373 -22.20 -12.07 -4.50
C LYS A 373 -23.20 -11.72 -5.60
N PRO A 374 -23.36 -12.62 -6.58
CA PRO A 374 -24.42 -12.45 -7.56
C PRO A 374 -25.73 -12.71 -6.87
N THR A 375 -26.73 -11.86 -7.10
CA THR A 375 -28.03 -12.05 -6.50
C THR A 375 -28.67 -13.31 -7.06
N SER A 376 -29.21 -14.12 -6.17
CA SER A 376 -29.66 -15.46 -6.53
C SER A 376 -31.01 -15.48 -7.23
N HIS A 377 -31.25 -16.51 -8.04
CA HIS A 377 -32.56 -16.70 -8.70
C HIS A 377 -32.94 -15.55 -9.63
N GLN A 378 -31.93 -14.80 -10.13
CA GLN A 378 -32.13 -13.57 -10.93
C GLN A 378 -32.98 -12.51 -10.22
N ASP B 119 43.55 -1.81 -8.15
CA ASP B 119 42.58 -1.07 -7.31
C ASP B 119 41.14 -1.05 -7.91
N ARG B 120 40.17 -1.39 -7.07
CA ARG B 120 38.76 -1.51 -7.49
C ARG B 120 38.07 -0.14 -7.66
N PRO B 121 37.10 -0.04 -8.58
CA PRO B 121 36.41 1.23 -8.82
C PRO B 121 35.58 1.73 -7.63
N GLN B 122 35.37 3.04 -7.58
CA GLN B 122 34.65 3.70 -6.50
C GLN B 122 33.15 3.38 -6.56
N LYS B 123 32.50 3.32 -5.40
CA LYS B 123 31.12 2.88 -5.34
C LYS B 123 30.31 3.67 -4.33
N PRO B 124 28.97 3.68 -4.47
CA PRO B 124 28.17 4.24 -3.40
C PRO B 124 28.45 3.49 -2.12
N PHE B 125 28.36 4.20 -0.99
CA PHE B 125 28.57 3.65 0.36
C PHE B 125 30.03 3.35 0.69
N ASP B 126 30.94 3.64 -0.23
CA ASP B 126 32.36 3.50 0.05
C ASP B 126 32.81 4.49 1.12
N LYS B 127 32.30 5.72 1.03
CA LYS B 127 32.72 6.79 1.91
C LYS B 127 31.62 7.83 2.04
N PHE B 128 31.25 8.15 3.27
CA PHE B 128 30.33 9.26 3.51
C PHE B 128 31.10 10.45 4.10
N PHE B 129 30.83 11.65 3.61
CA PHE B 129 31.53 12.81 4.11
C PHE B 129 30.55 13.57 4.92
N ILE B 130 30.87 13.82 6.18
CA ILE B 130 29.94 14.50 7.07
C ILE B 130 30.51 15.79 7.58
N ASP B 131 29.62 16.70 7.95
CA ASP B 131 30.03 17.97 8.52
C ASP B 131 28.82 18.70 9.06
N TYR B 132 29.05 19.64 9.99
CA TYR B 132 27.95 20.48 10.50
C TYR B 132 27.90 21.82 9.80
N ILE B 133 26.74 22.45 9.80
CA ILE B 133 26.62 23.82 9.33
C ILE B 133 25.83 24.58 10.38
N GLY B 134 26.38 25.71 10.83
CA GLY B 134 25.71 26.56 11.81
C GLY B 134 26.63 27.21 12.83
N PRO B 135 26.06 27.89 13.83
CA PRO B 135 24.63 27.99 14.16
C PRO B 135 23.83 28.69 13.09
N LEU B 136 22.56 28.38 12.99
CA LEU B 136 21.65 29.10 12.10
C LEU B 136 20.55 29.79 12.91
N PRO B 137 19.76 30.66 12.25
CA PRO B 137 18.58 31.16 12.94
C PRO B 137 17.70 29.98 13.31
N PRO B 138 17.11 30.01 14.53
CA PRO B 138 16.28 28.90 14.99
C PRO B 138 15.16 28.57 14.02
N SER B 139 14.84 27.29 13.88
CA SER B 139 13.68 26.85 13.11
C SER B 139 13.11 25.59 13.74
N GLN B 140 11.89 25.71 14.27
CA GLN B 140 11.31 24.67 15.12
C GLN B 140 12.31 24.24 16.21
N GLY B 141 13.07 25.20 16.75
CA GLY B 141 14.05 24.91 17.78
C GLY B 141 15.31 24.21 17.32
N TYR B 142 15.50 24.10 16.01
CA TYR B 142 16.75 23.54 15.44
C TYR B 142 17.71 24.65 15.03
N LEU B 143 19.01 24.37 15.12
CA LEU B 143 20.04 25.39 14.88
C LEU B 143 21.15 24.96 13.90
N TYR B 144 21.33 23.66 13.72
CA TYR B 144 22.41 23.16 12.88
C TYR B 144 21.91 22.20 11.81
N VAL B 145 22.72 21.95 10.79
CA VAL B 145 22.42 20.92 9.81
C VAL B 145 23.59 19.96 9.73
N LEU B 146 23.34 18.68 9.91
CA LEU B 146 24.38 17.70 9.67
C LEU B 146 24.31 17.33 8.22
N VAL B 147 25.42 17.49 7.51
CA VAL B 147 25.44 17.29 6.08
C VAL B 147 26.12 15.98 5.81
N VAL B 148 25.48 15.12 5.01
CA VAL B 148 26.12 13.87 4.63
C VAL B 148 26.08 13.74 3.13
N VAL B 149 27.24 13.48 2.56
CA VAL B 149 27.37 13.38 1.12
C VAL B 149 28.12 12.12 0.81
N ASP B 150 27.50 11.27 -0.02
CA ASP B 150 28.16 10.07 -0.48
C ASP B 150 29.25 10.45 -1.50
N GLY B 151 30.44 9.86 -1.37
CA GLY B 151 31.62 10.30 -2.12
C GLY B 151 31.45 10.01 -3.60
N MET B 152 31.16 8.75 -3.91
CA MET B 152 31.02 8.30 -5.29
C MET B 152 29.86 8.94 -6.05
N THR B 153 28.67 9.01 -5.47
CA THR B 153 27.48 9.52 -6.21
C THR B 153 27.25 11.01 -6.05
N GLY B 154 27.77 11.62 -4.99
CA GLY B 154 27.46 13.01 -4.68
C GLY B 154 26.07 13.18 -4.05
N PHE B 155 25.43 12.06 -3.69
CA PHE B 155 24.12 12.11 -3.04
C PHE B 155 24.23 12.73 -1.65
N THR B 156 23.27 13.60 -1.33
CA THR B 156 23.26 14.37 -0.07
C THR B 156 22.06 14.06 0.82
N TRP B 157 22.32 13.80 2.10
CA TRP B 157 21.29 13.71 3.11
C TRP B 157 21.54 14.82 4.09
N LEU B 158 20.48 15.46 4.55
CA LEU B 158 20.58 16.53 5.54
C LEU B 158 19.79 16.23 6.82
N TYR B 159 20.36 16.58 7.96
CA TYR B 159 19.67 16.37 9.23
C TYR B 159 19.76 17.60 10.09
N PRO B 160 18.60 18.15 10.49
CA PRO B 160 18.50 19.24 11.47
C PRO B 160 18.89 18.75 12.85
N THR B 161 19.74 19.51 13.54
CA THR B 161 20.11 19.21 14.93
C THR B 161 19.98 20.44 15.82
N LYS B 162 19.96 20.21 17.14
CA LYS B 162 19.87 21.28 18.12
C LYS B 162 21.27 21.73 18.57
N ALA B 163 22.29 20.96 18.18
CA ALA B 163 23.67 21.24 18.56
C ALA B 163 24.63 20.36 17.76
N PRO B 164 25.90 20.78 17.65
CA PRO B 164 26.86 19.96 16.93
C PRO B 164 27.54 18.96 17.87
N SER B 165 26.75 18.14 18.56
CA SER B 165 27.26 17.24 19.61
C SER B 165 27.41 15.83 19.11
N THR B 166 28.15 15.00 19.84
CA THR B 166 28.22 13.58 19.51
C THR B 166 26.85 12.95 19.57
N SER B 167 26.08 13.35 20.59
CA SER B 167 24.73 12.86 20.78
C SER B 167 23.83 13.12 19.56
N ALA B 168 23.86 14.37 19.06
CA ALA B 168 23.00 14.78 17.93
C ALA B 168 23.45 14.07 16.66
N THR B 169 24.75 13.80 16.57
CA THR B 169 25.33 13.18 15.41
C THR B 169 24.86 11.74 15.40
N VAL B 170 25.00 11.08 16.55
CA VAL B 170 24.58 9.70 16.69
C VAL B 170 23.09 9.51 16.38
N LYS B 171 22.23 10.34 16.98
CA LYS B 171 20.78 10.25 16.72
C LYS B 171 20.48 10.39 15.25
N SER B 172 21.13 11.34 14.58
CA SER B 172 20.93 11.58 13.14
C SER B 172 21.45 10.46 12.24
N LEU B 173 22.68 10.03 12.47
CA LEU B 173 23.28 8.96 11.67
C LEU B 173 22.59 7.61 11.87
N ASN B 174 22.07 7.37 13.08
CA ASN B 174 21.22 6.21 13.34
C ASN B 174 20.06 6.11 12.35
N VAL B 175 19.44 7.26 12.04
CA VAL B 175 18.41 7.30 11.03
C VAL B 175 18.97 6.92 9.65
N LEU B 176 20.02 7.61 9.20
CA LEU B 176 20.62 7.32 7.91
C LEU B 176 21.16 5.89 7.81
N THR B 177 21.78 5.40 8.87
CA THR B 177 22.40 4.07 8.80
C THR B 177 21.38 2.95 8.97
N SER B 178 20.12 3.31 9.23
CA SER B 178 19.04 2.34 9.15
C SER B 178 18.57 2.20 7.69
N ILE B 179 19.24 2.90 6.77
CA ILE B 179 18.94 2.84 5.33
C ILE B 179 20.14 2.33 4.56
N ALA B 180 21.30 2.92 4.80
CA ALA B 180 22.54 2.39 4.25
C ALA B 180 23.71 2.67 5.17
N ILE B 181 24.62 1.72 5.27
CA ILE B 181 25.78 1.91 6.10
C ILE B 181 27.03 2.10 5.24
N PRO B 182 27.78 3.19 5.48
CA PRO B 182 29.05 3.47 4.78
C PRO B 182 30.16 2.57 5.30
N LYS B 183 31.14 2.24 4.46
CA LYS B 183 32.39 1.62 4.93
C LYS B 183 33.23 2.63 5.71
N VAL B 184 33.30 3.85 5.21
CA VAL B 184 34.14 4.87 5.83
C VAL B 184 33.32 6.13 6.03
N ILE B 185 33.47 6.73 7.21
CA ILE B 185 33.01 8.09 7.38
C ILE B 185 34.24 8.99 7.44
N HIS B 186 34.20 10.09 6.69
CA HIS B 186 35.26 11.07 6.72
C HIS B 186 34.70 12.38 7.26
N SER B 187 35.45 12.98 8.18
CA SER B 187 35.10 14.30 8.70
C SER B 187 36.36 15.07 9.02
N ASP B 188 36.19 16.37 9.30
CA ASP B 188 37.25 17.15 9.92
C ASP B 188 37.33 16.77 11.43
N GLN B 189 38.21 17.41 12.19
CA GLN B 189 38.40 17.02 13.58
C GLN B 189 37.48 17.73 14.56
N GLY B 190 36.24 17.99 14.14
CA GLY B 190 35.22 18.54 15.05
C GLY B 190 35.09 17.70 16.31
N ALA B 191 34.75 18.37 17.42
CA ALA B 191 34.60 17.71 18.70
C ALA B 191 33.66 16.49 18.61
N ALA B 192 32.45 16.72 18.08
CA ALA B 192 31.45 15.67 17.87
C ALA B 192 31.98 14.42 17.17
N PHE B 193 32.93 14.61 16.27
CA PHE B 193 33.39 13.49 15.46
C PHE B 193 34.59 12.79 16.03
N THR B 194 35.26 13.44 16.99
CA THR B 194 36.50 12.89 17.54
C THR B 194 36.33 12.31 18.96
N SER B 195 35.15 12.50 19.55
CA SER B 195 34.80 11.93 20.86
C SER B 195 34.91 10.42 20.85
N SER B 196 35.21 9.84 22.00
CA SER B 196 35.27 8.36 22.06
C SER B 196 33.89 7.67 21.95
N THR B 197 32.81 8.37 22.33
CA THR B 197 31.46 7.88 22.11
C THR B 197 31.22 7.66 20.63
N PHE B 198 31.49 8.68 19.80
CA PHE B 198 31.30 8.55 18.36
C PHE B 198 32.14 7.43 17.79
N ALA B 199 33.35 7.23 18.36
CA ALA B 199 34.21 6.12 17.98
C ALA B 199 33.59 4.77 18.33
N GLU B 200 32.98 4.67 19.51
CA GLU B 200 32.32 3.43 19.92
C GLU B 200 31.22 3.11 18.92
N TRP B 201 30.38 4.12 18.66
CA TRP B 201 29.26 4.01 17.72
C TRP B 201 29.72 3.48 16.37
N ALA B 202 30.80 4.03 15.85
CA ALA B 202 31.30 3.60 14.56
C ALA B 202 31.82 2.18 14.63
N LYS B 203 32.47 1.85 15.73
CA LYS B 203 33.04 0.51 15.89
C LYS B 203 31.94 -0.56 15.92
N GLU B 204 30.85 -0.27 16.64
CA GLU B 204 29.72 -1.18 16.73
C GLU B 204 29.20 -1.52 15.34
N ARG B 205 29.32 -0.57 14.43
CA ARG B 205 28.69 -0.69 13.13
C ARG B 205 29.68 -1.12 12.04
N GLY B 206 30.93 -1.35 12.44
CA GLY B 206 31.99 -1.74 11.53
C GLY B 206 32.34 -0.65 10.54
N ILE B 207 32.14 0.61 10.95
CA ILE B 207 32.48 1.79 10.15
C ILE B 207 33.89 2.27 10.51
N HIS B 208 34.76 2.44 9.52
CA HIS B 208 36.06 3.03 9.77
C HIS B 208 35.94 4.55 9.71
N LEU B 209 36.50 5.22 10.72
CA LEU B 209 36.48 6.69 10.79
C LEU B 209 37.74 7.31 10.21
N GLU B 210 37.57 8.43 9.52
CA GLU B 210 38.64 9.08 8.80
C GLU B 210 38.62 10.58 9.04
N PHE B 211 39.77 11.08 9.46
CA PHE B 211 39.89 12.49 9.78
C PHE B 211 40.90 13.19 8.88
N SER B 212 40.54 14.39 8.44
CA SER B 212 41.48 15.24 7.77
C SER B 212 42.32 15.90 8.86
N THR B 213 43.61 16.09 8.59
CA THR B 213 44.49 16.86 9.48
C THR B 213 43.87 18.21 9.89
N PRO B 214 44.15 18.68 11.12
CA PRO B 214 43.63 19.98 11.60
C PRO B 214 44.01 21.13 10.70
N TYR B 215 43.05 22.03 10.50
CA TYR B 215 43.21 23.25 9.69
C TYR B 215 43.42 22.99 8.19
N HIS B 216 43.49 21.72 7.79
CA HIS B 216 43.65 21.33 6.38
C HIS B 216 42.56 20.34 5.89
N PRO B 217 41.30 20.84 5.75
CA PRO B 217 40.18 19.97 5.33
C PRO B 217 40.29 19.50 3.86
N GLN B 218 40.06 18.23 3.60
CA GLN B 218 40.17 17.67 2.25
C GLN B 218 39.05 16.65 2.00
N SER B 219 38.50 16.67 0.79
CA SER B 219 37.43 15.77 0.41
C SER B 219 37.82 15.12 -0.90
N SER B 220 37.09 15.49 -1.94
CA SER B 220 37.48 15.32 -3.31
C SER B 220 36.85 16.53 -4.00
N GLY B 221 37.20 16.76 -5.27
CA GLY B 221 36.60 17.83 -6.07
C GLY B 221 35.09 17.84 -5.99
N LYS B 222 34.49 16.68 -6.28
CA LYS B 222 33.03 16.48 -6.25
C LYS B 222 32.37 16.91 -4.94
N VAL B 223 32.92 16.42 -3.83
CA VAL B 223 32.37 16.71 -2.49
C VAL B 223 32.55 18.18 -2.13
N GLU B 224 33.74 18.71 -2.41
CA GLU B 224 34.01 20.13 -2.19
C GLU B 224 32.99 21.00 -2.91
N ARG B 225 32.75 20.71 -4.19
CA ARG B 225 31.77 21.42 -5.02
C ARG B 225 30.33 21.29 -4.50
N LYS B 226 29.96 20.08 -4.08
CA LYS B 226 28.65 19.79 -3.53
C LYS B 226 28.42 20.56 -2.23
N ASN B 227 29.42 20.56 -1.34
CA ASN B 227 29.33 21.31 -0.08
C ASN B 227 29.20 22.80 -0.30
N SER B 228 29.87 23.27 -1.36
CA SER B 228 29.76 24.65 -1.76
C SER B 228 28.32 24.99 -2.15
N ASP B 229 27.73 24.18 -3.04
CA ASP B 229 26.35 24.36 -3.44
C ASP B 229 25.41 24.37 -2.23
N ILE B 230 25.59 23.38 -1.35
CA ILE B 230 24.73 23.25 -0.17
C ILE B 230 24.74 24.54 0.62
N LYS B 231 25.92 25.03 1.02
CA LYS B 231 26.00 26.30 1.75
C LYS B 231 25.35 27.44 0.96
N ARG B 232 25.71 27.60 -0.31
CA ARG B 232 25.13 28.65 -1.14
C ARG B 232 23.61 28.54 -1.28
N LEU B 233 23.11 27.33 -1.55
CA LEU B 233 21.66 27.11 -1.69
C LEU B 233 20.88 27.40 -0.38
N LEU B 234 21.49 27.07 0.75
CA LEU B 234 20.88 27.39 2.05
C LEU B 234 20.80 28.90 2.26
N THR B 235 21.92 29.58 2.04
CA THR B 235 21.99 31.05 2.20
C THR B 235 20.93 31.72 1.34
N LYS B 236 20.75 31.21 0.12
CA LYS B 236 19.81 31.81 -0.81
C LYS B 236 18.38 31.69 -0.33
N LEU B 237 18.04 30.57 0.30
CA LEU B 237 16.64 30.36 0.67
C LEU B 237 16.30 30.84 2.09
N LEU B 238 17.30 30.90 2.97
CA LEU B 238 17.09 31.47 4.30
C LEU B 238 16.78 33.00 4.27
N VAL B 239 17.54 33.80 3.53
CA VAL B 239 17.20 35.25 3.40
C VAL B 239 15.77 35.43 2.88
N GLY B 240 15.00 36.30 3.51
CA GLY B 240 13.58 36.46 3.20
C GLY B 240 12.66 35.63 4.09
N ARG B 241 13.16 34.49 4.57
CA ARG B 241 12.46 33.63 5.53
C ARG B 241 13.47 32.83 6.39
N PRO B 242 14.33 33.54 7.16
CA PRO B 242 15.48 32.90 7.86
C PRO B 242 15.09 31.84 8.90
N THR B 243 13.79 31.69 9.11
CA THR B 243 13.23 30.91 10.19
C THR B 243 12.39 29.75 9.66
N LYS B 244 12.13 29.74 8.35
CA LYS B 244 11.30 28.69 7.76
C LYS B 244 12.12 27.51 7.22
N TRP B 245 13.43 27.49 7.45
CA TRP B 245 14.32 26.49 6.80
C TRP B 245 14.11 25.01 7.15
N TYR B 246 13.72 24.71 8.39
CA TYR B 246 13.41 23.35 8.79
C TYR B 246 12.50 22.66 7.77
N ASP B 247 11.42 23.34 7.36
CA ASP B 247 10.44 22.78 6.43
C ASP B 247 11.01 22.62 5.03
N LEU B 248 12.02 23.42 4.71
CA LEU B 248 12.57 23.46 3.36
C LEU B 248 13.60 22.38 3.08
N LEU B 249 14.14 21.78 4.13
CA LEU B 249 15.12 20.71 3.95
C LEU B 249 14.74 19.63 2.92
N PRO B 250 13.52 19.07 2.98
CA PRO B 250 13.20 18.09 1.93
C PRO B 250 13.45 18.60 0.49
N VAL B 251 12.93 19.78 0.14
CA VAL B 251 13.12 20.31 -1.21
C VAL B 251 14.58 20.70 -1.53
N VAL B 252 15.28 21.28 -0.57
CA VAL B 252 16.74 21.48 -0.73
C VAL B 252 17.43 20.17 -1.18
N GLN B 253 17.13 19.05 -0.52
CA GLN B 253 17.77 17.77 -0.88
C GLN B 253 17.40 17.28 -2.27
N LEU B 254 16.12 17.39 -2.63
CA LEU B 254 15.69 16.93 -3.96
C LEU B 254 16.41 17.72 -5.03
N ALA B 255 16.56 19.04 -4.80
CA ALA B 255 17.29 19.93 -5.68
C ALA B 255 18.71 19.40 -5.80
N LEU B 256 19.44 19.38 -4.69
CA LEU B 256 20.80 18.90 -4.71
C LEU B 256 20.96 17.57 -5.42
N ASN B 257 20.07 16.62 -5.14
CA ASN B 257 20.25 15.26 -5.65
C ASN B 257 19.78 15.09 -7.09
N ASN B 258 18.98 16.05 -7.57
CA ASN B 258 18.55 16.03 -8.96
C ASN B 258 19.23 17.12 -9.79
N THR B 259 20.36 17.59 -9.29
CA THR B 259 21.21 18.53 -9.98
C THR B 259 22.23 17.74 -10.80
N TYR B 260 22.28 18.08 -12.08
CA TYR B 260 23.18 17.45 -13.05
C TYR B 260 24.68 17.74 -12.72
N SER B 261 25.52 16.71 -12.87
CA SER B 261 26.97 16.80 -12.62
C SER B 261 27.71 17.12 -13.94
N PRO B 262 28.37 18.31 -14.00
CA PRO B 262 29.17 18.62 -15.20
C PRO B 262 30.17 17.49 -15.55
N VAL B 263 30.96 17.06 -14.55
CA VAL B 263 32.01 16.02 -14.70
C VAL B 263 31.50 14.62 -15.13
N LEU B 264 30.53 14.06 -14.41
CA LEU B 264 29.83 12.86 -14.91
C LEU B 264 28.55 13.29 -15.66
N LYS B 265 28.00 12.42 -16.48
CA LYS B 265 26.82 12.84 -17.26
C LYS B 265 25.51 12.74 -16.45
N TYR B 266 25.62 12.44 -15.14
CA TYR B 266 24.46 12.01 -14.36
C TYR B 266 24.29 12.74 -13.04
N THR B 267 23.03 12.89 -12.60
CA THR B 267 22.71 13.36 -11.24
C THR B 267 23.03 12.29 -10.17
N PRO B 268 23.17 12.68 -8.90
CA PRO B 268 23.32 11.70 -7.81
C PRO B 268 22.17 10.68 -7.74
N HIS B 269 20.94 11.17 -7.86
CA HIS B 269 19.79 10.29 -7.96
C HIS B 269 20.03 9.20 -9.01
N GLN B 270 20.47 9.59 -10.20
CA GLN B 270 20.65 8.59 -11.25
C GLN B 270 21.72 7.59 -10.88
N LEU B 271 22.75 8.06 -10.21
CA LEU B 271 23.90 7.24 -9.88
C LEU B 271 23.66 6.33 -8.68
N LEU B 272 22.79 6.79 -7.77
CA LEU B 272 22.41 5.98 -6.65
C LEU B 272 21.38 4.90 -7.04
N PHE B 273 20.39 5.26 -7.85
CA PHE B 273 19.27 4.36 -8.09
C PHE B 273 19.23 3.71 -9.48
N GLY B 274 20.05 4.23 -10.40
CA GLY B 274 20.08 3.74 -11.77
C GLY B 274 18.85 4.09 -12.59
N ILE B 275 18.16 5.17 -12.23
CA ILE B 275 16.96 5.59 -12.97
C ILE B 275 16.84 7.11 -13.04
N ASP B 276 15.96 7.59 -13.93
CA ASP B 276 15.56 8.99 -13.92
C ASP B 276 14.69 9.26 -12.72
N SER B 277 14.71 10.49 -12.25
CA SER B 277 13.91 10.91 -11.11
C SER B 277 12.55 11.38 -11.56
N ASN B 278 11.56 11.39 -10.68
CA ASN B 278 10.24 11.91 -11.01
C ASN B 278 10.15 13.41 -10.72
N THR B 279 11.24 13.97 -10.22
CA THR B 279 11.35 15.40 -10.06
C THR B 279 12.62 15.87 -10.75
N PRO B 280 12.57 16.05 -12.08
CA PRO B 280 13.77 16.61 -12.70
C PRO B 280 13.83 18.11 -12.40
N PHE B 281 14.96 18.60 -11.89
CA PHE B 281 15.11 20.04 -11.72
C PHE B 281 15.81 20.59 -12.95
N ALA B 282 15.03 20.69 -14.03
CA ALA B 282 15.49 21.09 -15.36
C ALA B 282 15.77 22.59 -15.45
N ASN B 283 15.25 23.33 -14.46
CA ASN B 283 15.59 24.75 -14.23
C ASN B 283 16.78 24.90 -13.26
N GLN B 284 18.00 24.65 -13.76
CA GLN B 284 19.22 24.95 -13.02
C GLN B 284 19.17 26.43 -12.58
N ASP B 285 19.21 26.66 -11.26
CA ASP B 285 18.99 28.00 -10.68
C ASP B 285 20.22 28.92 -10.78
N THR B 286 20.02 30.21 -10.49
CA THR B 286 21.14 31.18 -10.45
C THR B 286 22.07 30.88 -9.28
N LEU B 287 21.47 30.63 -8.11
CA LEU B 287 22.20 30.31 -6.87
C LEU B 287 22.91 31.55 -6.33
N ASP B 288 22.89 32.62 -7.11
CA ASP B 288 23.43 33.90 -6.69
C ASP B 288 22.33 34.75 -6.07
N LEU B 289 22.75 35.83 -5.42
CA LEU B 289 21.84 36.74 -4.74
C LEU B 289 21.47 37.93 -5.65
N THR B 290 20.17 38.24 -5.75
CA THR B 290 19.70 39.43 -6.46
C THR B 290 20.01 40.68 -5.64
N ARG B 291 20.01 41.86 -6.28
CA ARG B 291 20.33 43.10 -5.56
C ARG B 291 19.34 43.34 -4.39
N GLU B 292 18.13 42.76 -4.53
CA GLU B 292 17.17 42.68 -3.43
C GLU B 292 17.73 41.88 -2.25
N GLU B 293 18.10 40.63 -2.52
CA GLU B 293 18.59 39.70 -1.49
C GLU B 293 19.91 40.12 -0.85
N GLU B 294 20.73 40.89 -1.56
CA GLU B 294 22.02 41.36 -1.05
C GLU B 294 21.88 42.46 0.01
N LEU B 295 21.11 43.49 -0.31
CA LEU B 295 20.92 44.65 0.56
C LEU B 295 19.97 44.36 1.74
N SER B 296 19.11 43.36 1.58
CA SER B 296 18.20 42.93 2.65
C SER B 296 18.71 41.74 3.47
N LEU B 297 19.88 41.21 3.08
CA LEU B 297 20.64 40.28 3.91
C LEU B 297 21.64 41.04 4.78
N LEU B 298 22.11 42.20 4.28
CA LEU B 298 22.98 43.11 5.02
C LEU B 298 22.20 43.94 6.07
N GLN B 299 20.88 44.00 5.92
CA GLN B 299 19.99 44.62 6.92
C GLN B 299 19.19 43.59 7.75
N GLU B 300 19.54 42.30 7.60
CA GLU B 300 18.95 41.20 8.41
C GLU B 300 19.74 40.97 9.70
N ILE B 301 21.04 40.76 9.57
CA ILE B 301 21.95 40.73 10.73
C ILE B 301 22.55 42.14 10.89
N ARG B 302 21.71 43.08 11.31
CA ARG B 302 22.10 44.49 11.47
C ARG B 302 21.23 45.19 12.51
#